data_7HJL
#
_entry.id   7HJL
#
_cell.length_a   26.205
_cell.length_b   47.212
_cell.length_c   46.393
_cell.angle_alpha   90.000
_cell.angle_beta   103.430
_cell.angle_gamma   90.000
#
_symmetry.space_group_name_H-M   'P 1 21 1'
#
loop_
_entity.id
_entity.type
_entity.pdbx_description
1 polymer 'De novo designed ABLE protein'
2 non-polymer '2-amino-5-fluorobenzoic acid'
3 water water
#
_entity_poly.entity_id   1
_entity_poly.type   'polypeptide(L)'
_entity_poly.pdbx_seq_one_letter_code
;SVKSEYAEAAAVGQEAVAVFNTMKAAFQNGDKEAVAQYLARLASLYTRHEELLNRILEKARREGNKEAVTLMNEFTATFQ
TGKSIFNAMVAAFKNGDDDSFESYLQALEKVTAKGETLADQIAKAL
;
_entity_poly.pdbx_strand_id   A
#
loop_
_chem_comp.id
_chem_comp.type
_chem_comp.name
_chem_comp.formula
5RG non-polymer '2-amino-5-fluorobenzoic acid' 'C7 H6 F N O2'
#
# COMPACT_ATOMS: atom_id res chain seq x y z
N SER A 1 16.67 -13.60 4.22
N SER A 1 16.61 -13.62 4.13
CA SER A 1 17.35 -12.59 3.39
CA SER A 1 17.36 -12.50 3.54
C SER A 1 16.44 -11.40 3.19
C SER A 1 16.43 -11.33 3.29
N VAL A 2 17.04 -10.27 2.77
N VAL A 2 16.99 -10.24 2.78
CA VAL A 2 16.23 -9.09 2.48
CA VAL A 2 16.17 -9.08 2.45
C VAL A 2 15.26 -9.42 1.35
C VAL A 2 15.17 -9.45 1.37
N LYS A 3 15.65 -10.30 0.42
N LYS A 3 15.51 -10.40 0.50
CA LYS A 3 14.78 -10.64 -0.69
CA LYS A 3 14.61 -10.80 -0.57
C LYS A 3 13.56 -11.41 -0.23
C LYS A 3 13.36 -11.50 -0.01
N SER A 4 13.72 -12.30 0.76
N SER A 4 13.54 -12.41 0.94
CA SER A 4 12.57 -13.03 1.28
CA SER A 4 12.39 -13.08 1.56
C SER A 4 11.69 -12.13 2.14
C SER A 4 11.57 -12.08 2.38
N GLU A 5 12.31 -11.21 2.89
N GLU A 5 12.25 -11.14 3.03
CA GLU A 5 11.53 -10.21 3.60
CA GLU A 5 11.53 -10.07 3.68
C GLU A 5 10.76 -9.33 2.62
C GLU A 5 10.77 -9.22 2.66
N TYR A 6 11.33 -9.05 1.44
CA TYR A 6 10.56 -8.32 0.44
C TYR A 6 9.37 -9.15 -0.08
N ALA A 7 9.55 -10.46 -0.24
CA ALA A 7 8.40 -11.26 -0.69
C ALA A 7 7.29 -11.25 0.36
N GLU A 8 7.67 -11.28 1.63
N GLU A 8 7.65 -11.22 1.63
CA GLU A 8 6.69 -11.20 2.71
CA GLU A 8 6.64 -11.02 2.67
C GLU A 8 5.98 -9.84 2.69
C GLU A 8 5.93 -9.67 2.49
N ALA A 9 6.74 -8.76 2.61
N ALA A 9 6.69 -8.63 2.13
CA ALA A 9 6.12 -7.44 2.56
CA ALA A 9 6.07 -7.34 1.84
C ALA A 9 5.21 -7.30 1.35
C ALA A 9 5.19 -7.39 0.59
N ALA A 10 5.64 -7.85 0.20
N ALA A 10 5.59 -8.17 -0.43
CA ALA A 10 4.79 -7.82 -0.99
CA ALA A 10 4.75 -8.27 -1.61
C ALA A 10 3.49 -8.57 -0.77
C ALA A 10 3.42 -8.93 -1.29
N ALA A 11 3.53 -9.66 -0.02
N ALA A 11 3.44 -9.94 -0.42
CA ALA A 11 2.31 -10.41 0.24
CA ALA A 11 2.20 -10.61 -0.04
C ALA A 11 1.34 -9.59 1.10
C ALA A 11 1.25 -9.65 0.67
N VAL A 12 1.87 -8.94 2.15
N VAL A 12 1.78 -8.82 1.58
CA VAL A 12 1.04 -8.05 2.95
CA VAL A 12 0.96 -7.84 2.29
C VAL A 12 0.45 -6.95 2.08
C VAL A 12 0.35 -6.85 1.31
N GLY A 13 1.26 -6.41 1.16
N GLY A 13 1.15 -6.36 0.36
CA GLY A 13 0.72 -5.46 0.19
CA GLY A 13 0.57 -5.55 -0.70
C GLY A 13 -0.45 -6.03 -0.59
C GLY A 13 -0.60 -6.24 -1.37
N GLN A 14 -0.30 -7.27 -1.08
N GLN A 14 -0.48 -7.55 -1.62
CA GLN A 14 -1.35 -7.86 -1.92
CA GLN A 14 -1.61 -8.27 -2.22
C GLN A 14 -2.58 -8.21 -1.11
C GLN A 14 -2.79 -8.36 -1.25
N GLU A 15 -2.43 -8.44 0.18
N GLU A 15 -2.52 -8.54 0.04
CA GLU A 15 -3.62 -8.63 1.02
CA GLU A 15 -3.63 -8.60 0.99
C GLU A 15 -4.42 -7.34 1.10
C GLU A 15 -4.41 -7.29 0.98
N ALA A 16 -3.73 -6.22 1.30
N ALA A 16 -3.70 -6.18 0.78
CA ALA A 16 -4.37 -4.92 1.27
CA ALA A 16 -4.35 -4.88 0.70
C ALA A 16 -5.09 -4.69 -0.05
C ALA A 16 -5.21 -4.78 -0.55
N VAL A 17 -4.46 -5.06 -1.17
N VAL A 17 -4.71 -5.26 -1.69
CA VAL A 17 -5.14 -4.95 -2.45
CA VAL A 17 -5.49 -5.22 -2.92
C VAL A 17 -6.45 -5.72 -2.43
C VAL A 17 -6.80 -5.98 -2.73
N ALA A 18 -6.41 -6.95 -1.92
N ALA A 18 -6.72 -7.17 -2.13
CA ALA A 18 -7.62 -7.76 -1.88
CA ALA A 18 -7.92 -7.98 -1.96
C ALA A 18 -8.68 -7.12 -0.99
C ALA A 18 -8.95 -7.28 -1.08
N VAL A 19 -8.28 -6.64 0.19
N VAL A 19 -8.52 -6.81 0.10
CA VAL A 19 -9.24 -6.02 1.09
CA VAL A 19 -9.43 -6.20 1.04
C VAL A 19 -9.79 -4.73 0.48
C VAL A 19 -9.95 -4.86 0.49
N PHE A 20 -8.91 -3.95 -0.14
N PHE A 20 -9.13 -4.17 -0.30
CA PHE A 20 -9.34 -2.67 -0.73
CA PHE A 20 -9.58 -2.95 -0.95
C PHE A 20 -10.41 -2.90 -1.79
C PHE A 20 -10.73 -3.23 -1.91
N ASN A 21 -10.21 -3.87 -2.68
N ASN A 21 -10.62 -4.29 -2.71
CA ASN A 21 -11.19 -4.13 -3.73
CA ASN A 21 -11.67 -4.57 -3.68
C ASN A 21 -12.51 -4.62 -3.16
C ASN A 21 -12.98 -4.91 -3.00
N THR A 22 -12.46 -5.40 -2.08
N THR A 22 -12.93 -5.66 -1.89
CA THR A 22 -13.67 -5.84 -1.40
CA THR A 22 -14.16 -5.95 -1.16
C THR A 22 -14.41 -4.66 -0.78
C THR A 22 -14.65 -4.74 -0.39
N MET A 23 -13.66 -3.78 -0.10
N MET A 23 -13.77 -3.80 -0.08
CA MET A 23 -14.24 -2.58 0.48
CA MET A 23 -14.20 -2.54 0.50
C MET A 23 -14.91 -1.71 -0.58
C MET A 23 -14.87 -1.65 -0.55
N LYS A 24 -14.28 -1.57 -1.75
CA LYS A 24 -14.85 -0.79 -2.83
C LYS A 24 -16.23 -1.34 -3.22
N ALA A 25 -16.34 -2.66 -3.33
CA ALA A 25 -17.65 -3.26 -3.57
C ALA A 25 -18.64 -2.91 -2.47
N ALA A 26 -18.20 -2.98 -1.22
CA ALA A 26 -19.08 -2.66 -0.10
C ALA A 26 -19.52 -1.21 -0.13
N PHE A 27 -18.58 -0.29 -0.41
CA PHE A 27 -18.93 1.12 -0.59
C PHE A 27 -20.00 1.29 -1.66
N GLN A 28 -19.76 0.72 -2.85
CA GLN A 28 -20.71 0.92 -3.94
C GLN A 28 -22.09 0.40 -3.53
N ASN A 29 -22.12 -0.71 -2.79
CA ASN A 29 -23.37 -1.33 -2.32
C ASN A 29 -24.00 -0.61 -1.13
N GLY A 30 -23.32 0.37 -0.54
CA GLY A 30 -23.85 1.11 0.59
C GLY A 30 -23.80 0.41 1.92
N ASP A 31 -22.95 -0.63 2.06
CA ASP A 31 -22.82 -1.43 3.29
C ASP A 31 -21.74 -0.75 4.13
N LYS A 32 -22.15 0.29 4.85
N LYS A 32 -22.15 0.31 4.83
CA LYS A 32 -21.21 1.14 5.56
CA LYS A 32 -21.20 1.15 5.56
C LYS A 32 -20.59 0.42 6.75
C LYS A 32 -20.59 0.42 6.74
N GLU A 33 -21.31 -0.51 7.37
N GLU A 33 -21.33 -0.49 7.37
CA GLU A 33 -20.72 -1.25 8.47
CA GLU A 33 -20.75 -1.27 8.45
C GLU A 33 -19.56 -2.12 7.98
C GLU A 33 -19.56 -2.08 7.96
N ALA A 34 -19.71 -2.72 6.80
CA ALA A 34 -18.60 -3.46 6.21
C ALA A 34 -17.45 -2.53 5.88
N VAL A 35 -17.75 -1.41 5.20
CA VAL A 35 -16.68 -0.48 4.85
C VAL A 35 -15.88 -0.10 6.08
N ALA A 36 -16.56 0.26 7.18
CA ALA A 36 -15.85 0.67 8.41
C ALA A 36 -14.84 -0.40 8.84
N GLN A 37 -15.25 -1.66 8.81
N GLN A 37 -15.24 -1.66 8.80
CA GLN A 37 -14.35 -2.73 9.23
CA GLN A 37 -14.34 -2.72 9.24
C GLN A 37 -13.22 -2.92 8.25
C GLN A 37 -13.22 -2.92 8.25
N TYR A 38 -13.51 -2.88 6.95
CA TYR A 38 -12.43 -2.99 5.95
C TYR A 38 -11.43 -1.85 6.06
N LEU A 39 -11.90 -0.63 6.37
N LEU A 39 -11.90 -0.63 6.34
CA LEU A 39 -10.98 0.48 6.58
CA LEU A 39 -10.97 0.49 6.47
C LEU A 39 -10.06 0.25 7.78
C LEU A 39 -10.03 0.29 7.66
N ALA A 40 -10.60 -0.33 8.85
N ALA A 40 -10.54 -0.22 8.78
CA ALA A 40 -9.76 -0.68 10.00
CA ALA A 40 -9.66 -0.53 9.90
C ALA A 40 -8.71 -1.71 9.60
C ALA A 40 -8.67 -1.63 9.53
N ARG A 41 -9.13 -2.75 8.87
N ARG A 41 -9.12 -2.63 8.78
CA ARG A 41 -8.22 -3.80 8.43
CA ARG A 41 -8.23 -3.70 8.32
C ARG A 41 -7.13 -3.25 7.52
C ARG A 41 -7.11 -3.14 7.44
N LEU A 42 -7.50 -2.36 6.61
N LEU A 42 -7.48 -2.28 6.50
CA LEU A 42 -6.53 -1.74 5.72
CA LEU A 42 -6.51 -1.69 5.58
C LEU A 42 -5.55 -0.87 6.50
C LEU A 42 -5.54 -0.78 6.32
N ALA A 43 -6.04 -0.12 7.50
N ALA A 43 -5.98 -0.08 7.37
CA ALA A 43 -5.12 0.67 8.31
CA ALA A 43 -5.04 0.78 8.10
C ALA A 43 -4.04 -0.24 8.90
C ALA A 43 -3.99 -0.06 8.80
N SER A 44 -4.44 -1.42 9.36
N SER A 44 -4.42 -1.15 9.45
CA SER A 44 -3.48 -2.30 9.99
CA SER A 44 -3.45 -2.05 10.08
C SER A 44 -2.53 -2.91 8.97
C SER A 44 -2.48 -2.61 9.05
N LEU A 45 -3.01 -3.17 7.75
N LEU A 45 -3.01 -3.11 7.94
CA LEU A 45 -2.16 -3.73 6.72
CA LEU A 45 -2.15 -3.62 6.87
C LEU A 45 -1.18 -2.69 6.19
C LEU A 45 -1.14 -2.57 6.42
N TYR A 46 -1.62 -1.46 6.05
N TYR A 46 -1.59 -1.33 6.23
CA TYR A 46 -0.71 -0.42 5.57
CA TYR A 46 -0.65 -0.26 5.91
C TYR A 46 0.34 -0.10 6.62
C TYR A 46 0.45 -0.17 6.94
N THR A 47 -0.04 -0.10 7.89
N THR A 47 0.10 -0.24 8.22
CA THR A 47 0.94 0.16 8.94
CA THR A 47 1.11 -0.14 9.26
C THR A 47 2.00 -0.93 8.98
C THR A 47 2.14 -1.28 9.12
N ARG A 48 1.58 -2.19 8.81
N ARG A 48 1.66 -2.51 8.93
CA ARG A 48 2.52 -3.31 8.76
CA ARG A 48 2.55 -3.65 8.76
C ARG A 48 3.43 -3.21 7.54
C ARG A 48 3.36 -3.55 7.48
N HIS A 49 2.83 -3.04 6.36
N HIS A 49 2.77 -3.04 6.40
CA HIS A 49 3.61 -2.94 5.14
CA HIS A 49 3.51 -2.91 5.14
C HIS A 49 4.65 -1.82 5.24
C HIS A 49 4.61 -1.86 5.28
N GLU A 50 4.24 -0.67 5.77
N GLU A 50 4.28 -0.71 5.86
CA GLU A 50 5.16 0.47 5.90
CA GLU A 50 5.26 0.33 6.09
C GLU A 50 6.34 0.13 6.80
C GLU A 50 6.46 -0.20 6.88
N GLU A 51 6.11 -0.65 7.85
N GLU A 51 6.19 -0.98 7.93
CA GLU A 51 7.20 -1.02 8.75
CA GLU A 51 7.28 -1.44 8.78
C GLU A 51 8.16 -2.00 8.07
C GLU A 51 8.16 -2.45 8.04
N LEU A 52 7.61 -2.99 7.35
N LEU A 52 7.57 -3.28 7.18
CA LEU A 52 8.45 -3.95 6.63
CA LEU A 52 8.39 -4.19 6.38
C LEU A 52 9.30 -3.25 5.57
C LEU A 52 9.23 -3.44 5.35
N LEU A 53 8.68 -2.35 4.81
CA LEU A 53 9.41 -1.59 3.81
C LEU A 53 10.55 -0.83 4.45
N ASN A 54 10.35 -0.29 5.66
CA ASN A 54 11.41 0.48 6.27
C ASN A 54 12.55 -0.44 6.66
N ARG A 55 12.23 -1.66 7.09
N ARG A 55 12.23 -1.64 7.13
CA ARG A 55 13.29 -2.60 7.46
CA ARG A 55 13.26 -2.61 7.45
C ARG A 55 14.07 -3.07 6.24
C ARG A 55 14.08 -2.98 6.23
N ILE A 56 13.41 -3.22 5.10
CA ILE A 56 14.10 -3.57 3.87
C ILE A 56 15.03 -2.44 3.43
N LEU A 57 14.54 -1.19 3.48
CA LEU A 57 15.37 -0.05 3.10
C LEU A 57 16.57 0.08 4.01
N GLU A 58 16.35 0.02 5.33
CA GLU A 58 17.47 0.12 6.27
C GLU A 58 18.48 -0.98 6.02
N LYS A 59 18.02 -2.18 5.68
CA LYS A 59 18.93 -3.30 5.44
C LYS A 59 19.71 -3.12 4.15
N ALA A 60 19.03 -2.71 3.08
CA ALA A 60 19.73 -2.36 1.85
C ALA A 60 20.79 -1.28 2.10
N ARG A 61 20.49 -0.30 2.95
CA ARG A 61 21.46 0.75 3.27
C ARG A 61 22.68 0.18 3.97
N ARG A 62 22.45 -0.68 4.97
CA ARG A 62 23.56 -1.29 5.71
C ARG A 62 24.40 -2.20 4.83
N GLU A 63 23.79 -2.81 3.82
CA GLU A 63 24.43 -3.69 2.86
C GLU A 63 25.15 -2.92 1.77
N GLY A 64 25.01 -1.59 1.74
CA GLY A 64 25.62 -0.81 0.68
C GLY A 64 25.05 -1.03 -0.71
N ASN A 65 23.80 -1.47 -0.80
CA ASN A 65 23.21 -1.84 -2.09
C ASN A 65 22.63 -0.56 -2.66
N LYS A 66 23.48 0.22 -3.33
N LYS A 66 23.48 0.22 -3.33
CA LYS A 66 23.08 1.57 -3.73
CA LYS A 66 23.09 1.57 -3.73
C LYS A 66 21.84 1.55 -4.61
C LYS A 66 21.86 1.57 -4.63
N GLU A 67 21.82 0.67 -5.61
CA GLU A 67 20.67 0.66 -6.51
C GLU A 67 19.40 0.32 -5.74
N ALA A 68 19.46 -0.67 -4.85
CA ALA A 68 18.26 -1.01 -4.10
C ALA A 68 17.84 0.14 -3.20
N VAL A 69 18.79 0.86 -2.62
CA VAL A 69 18.46 2.02 -1.80
C VAL A 69 17.72 3.08 -2.62
N THR A 70 18.28 3.44 -3.79
CA THR A 70 17.61 4.39 -4.69
C THR A 70 16.17 4.00 -4.97
N LEU A 71 15.96 2.76 -5.45
CA LEU A 71 14.61 2.34 -5.81
C LEU A 71 13.69 2.30 -4.59
N MET A 72 14.19 1.85 -3.44
CA MET A 72 13.37 1.81 -2.23
C MET A 72 13.05 3.22 -1.72
N ASN A 73 14.00 4.17 -1.84
CA ASN A 73 13.66 5.55 -1.51
C ASN A 73 12.52 6.07 -2.39
N GLU A 74 12.57 5.78 -3.70
CA GLU A 74 11.50 6.25 -4.58
C GLU A 74 10.21 5.55 -4.24
N PHE A 75 10.28 4.25 -3.98
CA PHE A 75 9.07 3.47 -3.71
C PHE A 75 8.43 3.89 -2.41
N THR A 76 9.23 4.13 -1.36
N THR A 76 9.22 4.07 -1.35
CA THR A 76 8.65 4.52 -0.07
CA THR A 76 8.65 4.52 -0.09
C THR A 76 8.09 5.95 -0.09
C THR A 76 7.91 5.85 -0.28
N ALA A 77 8.69 6.84 -0.88
N ALA A 77 8.46 6.74 -1.10
CA ALA A 77 8.07 8.15 -1.06
CA ALA A 77 7.81 8.03 -1.31
C ALA A 77 6.68 8.00 -1.64
C ALA A 77 6.46 7.86 -1.98
N THR A 78 6.54 7.19 -2.69
N THR A 78 6.39 7.01 -3.01
CA THR A 78 5.23 6.98 -3.29
CA THR A 78 5.12 6.79 -3.69
C THR A 78 4.27 6.34 -2.29
C THR A 78 4.14 6.04 -2.78
N PHE A 79 4.79 5.46 -1.42
N PHE A 79 4.65 5.08 -2.02
CA PHE A 79 3.95 4.84 -0.40
CA PHE A 79 3.85 4.39 -1.01
C PHE A 79 3.29 5.90 0.48
C PHE A 79 3.21 5.39 -0.06
N GLN A 80 4.06 6.93 0.85
N GLN A 80 3.97 6.39 0.40
CA GLN A 80 3.54 7.97 1.73
CA GLN A 80 3.43 7.38 1.31
C GLN A 80 2.42 8.75 1.06
C GLN A 80 2.37 8.28 0.63
N THR A 81 2.55 9.00 -0.25
N THR A 81 2.46 8.45 -0.69
CA THR A 81 1.45 9.56 -1.03
CA THR A 81 1.47 9.25 -1.39
C THR A 81 0.20 8.70 -0.86
C THR A 81 0.13 8.53 -1.40
N GLY A 82 0.34 7.39 -1.08
N GLY A 82 0.16 7.22 -1.63
CA GLY A 82 -0.80 6.50 -0.87
CA GLY A 82 -1.05 6.44 -1.49
C GLY A 82 -1.36 6.60 0.53
C GLY A 82 -1.56 6.44 -0.07
N LYS A 83 -0.48 6.65 1.52
N LYS A 83 -0.65 6.35 0.90
CA LYS A 83 -0.93 6.72 2.91
CA LYS A 83 -1.05 6.31 2.30
C LYS A 83 -1.71 8.01 3.17
C LYS A 83 -1.75 7.60 2.71
N SER A 84 -1.29 9.11 2.55
N SER A 84 -1.16 8.75 2.37
CA SER A 84 -2.01 10.37 2.71
CA SER A 84 -1.81 10.02 2.65
C SER A 84 -3.38 10.31 2.04
C SER A 84 -3.21 10.08 2.04
N ILE A 85 -3.46 9.68 0.88
N ILE A 85 -3.36 9.64 0.80
CA ILE A 85 -4.76 9.54 0.22
CA ILE A 85 -4.66 9.67 0.16
C ILE A 85 -5.66 8.63 1.05
C ILE A 85 -5.62 8.73 0.88
N PHE A 86 -5.13 7.50 1.50
N PHE A 86 -5.14 7.56 1.30
CA PHE A 86 -5.91 6.60 2.35
CA PHE A 86 -5.97 6.64 2.05
C PHE A 86 -6.45 7.36 3.55
C PHE A 86 -6.48 7.29 3.32
N ASN A 87 -5.59 8.11 4.24
N ASN A 87 -5.61 8.04 4.01
CA ASN A 87 -6.04 8.81 5.43
CA ASN A 87 -6.04 8.69 5.25
C ASN A 87 -7.08 9.86 5.09
C ASN A 87 -7.14 9.70 4.97
N ALA A 88 -7.01 10.45 3.89
CA ALA A 88 -8.07 11.39 3.49
C ALA A 88 -9.37 10.64 3.19
N MET A 89 -9.26 9.44 2.61
CA MET A 89 -10.44 8.63 2.33
C MET A 89 -11.14 8.25 3.63
N VAL A 90 -10.35 7.83 4.62
CA VAL A 90 -10.90 7.46 5.92
C VAL A 90 -11.65 8.64 6.54
N ALA A 91 -11.08 9.84 6.41
CA ALA A 91 -11.72 11.03 6.97
C ALA A 91 -12.99 11.36 6.22
N ALA A 92 -12.98 11.18 4.89
CA ALA A 92 -14.20 11.39 4.12
C ALA A 92 -15.28 10.43 4.54
N PHE A 93 -14.90 9.21 4.90
CA PHE A 93 -15.90 8.27 5.36
C PHE A 93 -16.46 8.68 6.72
N LYS A 94 -15.58 9.05 7.64
N LYS A 94 -15.58 9.09 7.62
CA LYS A 94 -16.02 9.58 8.93
CA LYS A 94 -16.00 9.58 8.93
C LYS A 94 -17.00 10.72 8.72
C LYS A 94 -16.93 10.77 8.80
N ASN A 95 -16.70 11.64 7.81
CA ASN A 95 -17.50 12.85 7.62
C ASN A 95 -18.77 12.64 6.80
N GLY A 96 -18.99 11.42 6.29
CA GLY A 96 -20.11 11.16 5.41
C GLY A 96 -20.03 11.83 4.04
N ASP A 97 -18.83 12.10 3.57
CA ASP A 97 -18.64 12.78 2.29
C ASP A 97 -18.38 11.69 1.23
N ASP A 98 -19.44 11.24 0.58
CA ASP A 98 -19.27 10.15 -0.38
C ASP A 98 -18.60 10.62 -1.65
N ASP A 99 -18.79 11.88 -2.04
N ASP A 99 -18.80 11.88 -2.04
CA ASP A 99 -18.13 12.40 -3.23
CA ASP A 99 -18.13 12.41 -3.23
C ASP A 99 -16.61 12.37 -3.05
C ASP A 99 -16.61 12.37 -3.05
N SER A 100 -16.11 12.87 -1.93
CA SER A 100 -14.68 12.81 -1.67
C SER A 100 -14.19 11.38 -1.55
N PHE A 101 -14.97 10.52 -0.89
CA PHE A 101 -14.52 9.13 -0.73
C PHE A 101 -14.32 8.49 -2.11
N GLU A 102 -15.26 8.70 -3.02
N GLU A 102 -15.26 8.69 -3.02
CA GLU A 102 -15.11 8.24 -4.41
CA GLU A 102 -15.12 8.21 -4.40
C GLU A 102 -13.83 8.78 -5.02
C GLU A 102 -13.85 8.76 -5.04
N SER A 103 -13.62 10.10 -4.93
N SER A 103 -13.64 10.07 -4.93
CA SER A 103 -12.45 10.73 -5.54
CA SER A 103 -12.48 10.70 -5.53
C SER A 103 -11.17 10.11 -5.01
C SER A 103 -11.19 10.08 -5.01
N TYR A 104 -11.04 10.05 -3.68
CA TYR A 104 -9.84 9.49 -3.07
C TYR A 104 -9.66 8.02 -3.41
N LEU A 105 -10.77 7.27 -3.51
CA LEU A 105 -10.67 5.87 -3.88
C LEU A 105 -10.02 5.71 -5.26
N GLN A 106 -10.52 6.47 -6.25
N GLN A 106 -10.52 6.46 -6.25
CA GLN A 106 -9.97 6.41 -7.59
CA GLN A 106 -9.97 6.40 -7.60
C GLN A 106 -8.51 6.85 -7.62
C GLN A 106 -8.52 6.86 -7.62
N ALA A 107 -8.18 7.91 -6.88
N ALA A 107 -8.20 7.94 -6.90
CA ALA A 107 -6.79 8.38 -6.89
CA ALA A 107 -6.84 8.46 -6.93
C ALA A 107 -5.88 7.33 -6.28
C ALA A 107 -5.89 7.47 -6.28
N LEU A 108 -6.33 6.69 -5.21
N LEU A 108 -6.33 6.81 -5.21
CA LEU A 108 -5.51 5.67 -4.57
CA LEU A 108 -5.48 5.81 -4.55
C LEU A 108 -5.28 4.48 -5.49
C LEU A 108 -5.21 4.65 -5.48
N GLU A 109 -6.24 4.20 -6.37
N GLU A 109 -6.19 4.26 -6.29
CA GLU A 109 -6.05 3.11 -7.33
CA GLU A 109 -5.98 3.19 -7.26
C GLU A 109 -5.00 3.47 -8.37
C GLU A 109 -4.89 3.58 -8.25
N LYS A 110 -5.04 4.71 -8.88
N LYS A 110 -4.97 4.79 -8.80
CA LYS A 110 -4.07 5.10 -9.90
CA LYS A 110 -4.02 5.21 -9.83
C LYS A 110 -2.67 5.23 -9.32
C LYS A 110 -2.62 5.42 -9.25
N VAL A 111 -2.56 5.77 -8.11
N VAL A 111 -2.52 5.89 -8.01
CA VAL A 111 -1.26 5.86 -7.46
CA VAL A 111 -1.20 6.10 -7.42
C VAL A 111 -0.66 4.47 -7.28
C VAL A 111 -0.56 4.78 -7.03
N THR A 112 -1.49 3.49 -6.90
N THR A 112 -1.33 3.86 -6.45
CA THR A 112 -1.00 2.13 -6.69
CA THR A 112 -0.75 2.59 -6.04
C THR A 112 -0.67 1.46 -8.01
C THR A 112 -0.31 1.75 -7.22
N ALA A 113 -1.53 1.64 -9.02
N ALA A 113 -1.09 1.77 -8.31
CA ALA A 113 -1.25 1.06 -10.33
CA ALA A 113 -0.70 1.00 -9.49
C ALA A 113 0.05 1.60 -10.92
C ALA A 113 0.60 1.54 -10.09
N LYS A 114 0.33 2.90 -10.69
N LYS A 114 0.75 2.87 -10.13
CA LYS A 114 1.54 3.50 -11.22
CA LYS A 114 1.96 3.46 -10.68
C LYS A 114 2.78 2.88 -10.61
C LYS A 114 3.17 3.17 -9.80
N GLY A 115 2.74 2.57 -9.32
N GLY A 115 2.96 2.97 -8.49
CA GLY A 115 3.92 2.13 -8.60
CA GLY A 115 4.05 2.53 -7.64
C GLY A 115 4.14 0.62 -8.61
C GLY A 115 4.44 1.09 -7.88
N GLU A 116 3.71 -0.04 -9.68
N GLU A 116 3.50 0.26 -8.35
CA GLU A 116 3.86 -1.49 -9.77
CA GLU A 116 3.76 -1.16 -8.53
C GLU A 116 5.10 -1.92 -10.54
C GLU A 116 4.76 -1.41 -9.65
N THR A 117 5.46 -1.20 -11.61
N THR A 117 4.88 -0.51 -10.62
CA THR A 117 6.71 -1.53 -12.29
CA THR A 117 5.78 -0.70 -11.74
C THR A 117 7.89 -1.34 -11.34
C THR A 117 7.25 -0.49 -11.36
N LEU A 118 7.86 -0.29 -10.51
N LEU A 118 7.53 -0.15 -10.11
CA LEU A 118 8.92 -0.09 -9.53
CA LEU A 118 8.88 -0.02 -9.59
C LEU A 118 8.93 -1.19 -8.48
C LEU A 118 9.37 -1.30 -8.91
N ALA A 119 7.75 -1.55 -7.95
N ALA A 119 8.51 -2.28 -8.70
CA ALA A 119 7.70 -2.67 -7.02
CA ALA A 119 8.91 -3.47 -7.94
C ALA A 119 8.35 -3.90 -7.62
C ALA A 119 9.81 -4.39 -8.75
N ASP A 120 8.08 -4.17 -8.90
N ASP A 120 9.72 -4.35 -10.08
CA ASP A 120 8.70 -5.33 -9.52
CA ASP A 120 10.57 -5.20 -10.90
C ASP A 120 10.19 -5.13 -9.74
C ASP A 120 12.05 -4.91 -10.62
N GLN A 121 10.66 -3.89 -9.91
N GLN A 121 12.41 -3.64 -10.63
CA GLN A 121 12.08 -3.64 -10.07
CA GLN A 121 13.81 -3.27 -10.42
C GLN A 121 12.84 -3.90 -8.77
C GLN A 121 14.24 -3.56 -8.99
N ILE A 122 12.23 -3.57 -7.63
N ILE A 122 13.34 -3.35 -8.02
CA ILE A 122 12.88 -3.75 -6.34
CA ILE A 122 13.70 -3.57 -6.63
C ILE A 122 13.08 -5.24 -6.04
C ILE A 122 14.12 -5.02 -6.41
N ALA A 123 12.09 -6.06 -6.36
N ALA A 123 13.26 -5.95 -6.84
CA ALA A 123 12.23 -7.50 -6.18
CA ALA A 123 13.54 -7.36 -6.60
C ALA A 123 13.51 -8.00 -6.83
C ALA A 123 14.89 -7.76 -7.18
N LYS A 124 13.77 -7.57 -8.06
N LYS A 124 15.19 -7.27 -8.39
CA LYS A 124 14.94 -8.05 -8.78
CA LYS A 124 16.49 -7.57 -8.99
C LYS A 124 16.23 -7.44 -8.24
C LYS A 124 17.62 -6.91 -8.24
N ALA A 125 16.14 -6.26 -7.64
N ALA A 125 17.40 -5.72 -7.68
CA ALA A 125 17.32 -5.52 -7.25
CA ALA A 125 18.50 -4.96 -7.08
C ALA A 125 17.94 -6.02 -5.95
C ALA A 125 18.83 -5.47 -5.67
N LEU A 126 17.12 -6.60 -5.05
N LEU A 126 17.87 -6.06 -4.98
CA LEU A 126 17.58 -6.90 -3.71
CA LEU A 126 18.07 -6.46 -3.59
C LEU A 126 18.46 -8.14 -3.62
C LEU A 126 19.23 -7.42 -3.37
NAA 5RG B . -2.73 -1.38 3.17
OAB 5RG B . -0.22 -1.61 1.98
OAC 5RG B . -0.13 -1.48 -0.19
FAD 5RG B . -4.18 1.32 -1.49
CAE 5RG B . -4.29 -0.10 1.90
CAF 5RG B . -4.68 0.59 0.74
CAG 5RG B . -2.54 0.06 -0.29
CAH 5RG B . -0.74 -1.29 0.90
CAI 5RG B . -3.02 -0.72 1.98
CAJ 5RG B . -3.81 0.67 -0.37
CAK 5RG B . -2.12 -0.65 0.87
HNAA 5RG B . -2.99 -1.03 4.08
HNAB 5RG B . -2.21 -2.25 3.15
HAE 5RG B . -4.97 -0.16 2.73
HAF 5RG B . -5.65 1.05 0.69
HAG 5RG B . -1.88 0.13 -1.14
#